data_5EQ8
#
_entry.id   5EQ8
#
_cell.length_a   87.296
_cell.length_b   87.296
_cell.length_c   61.747
_cell.angle_alpha   90.00
_cell.angle_beta   90.00
_cell.angle_gamma   90.00
#
_symmetry.space_group_name_H-M   'P 4 21 2'
#
loop_
_entity.id
_entity.type
_entity.pdbx_description
1 polymer 'Inositol monophosphatase'
2 non-polymer L-histidinol
3 non-polymer 'CHLORIDE ION'
4 water water
#
_entity_poly.entity_id   1
_entity_poly.type   'polypeptide(L)'
_entity_poly.pdbx_seq_one_letter_code
;SNAMSSSSSPPHQLNHFSDVANKAANAAGDVIRKYFRKNNFDIIHKNDLSPVTIADQSAEEAMVSVILDNFPSHAVYGEE
KGWRCKQDSADYVWVLDPIDGTKSFITG(MLZ)PLFGTLIALLQNGTPILGIIDQPVLKERWIGITGKRTTLNGQEVSTR
TCADLSQAYLYTTSPHLFSGDAEEAFIRVRDKVKIPLYGCDCYAYALLSSGFVDLVVESGLKPYDFLALIPVIEGSGGVI
TDWKGHQLRWEASPLSIATSFNVVAAGDKQIHQQALDSLQW
;
_entity_poly.pdbx_strand_id   A
#
# COMPACT_ATOMS: atom_id res chain seq x y z
N GLN A 13 12.41 -20.57 4.38
CA GLN A 13 12.80 -19.11 4.39
C GLN A 13 11.55 -18.19 4.14
N LEU A 14 10.65 -18.64 3.27
CA LEU A 14 9.57 -17.75 2.83
C LEU A 14 8.53 -17.60 4.00
N ASN A 15 8.24 -18.73 4.62
CA ASN A 15 7.40 -18.67 5.84
C ASN A 15 8.11 -17.88 6.97
N HIS A 16 9.44 -17.92 7.03
CA HIS A 16 10.17 -17.10 8.02
C HIS A 16 9.97 -15.62 7.69
N PHE A 17 10.02 -15.25 6.41
CA PHE A 17 9.80 -13.87 6.03
C PHE A 17 8.34 -13.45 6.49
N SER A 18 7.33 -14.29 6.25
CA SER A 18 5.95 -14.02 6.63
C SER A 18 5.84 -13.86 8.16
N ASP A 19 6.48 -14.77 8.89
CA ASP A 19 6.39 -14.70 10.37
C ASP A 19 6.98 -13.38 10.86
N VAL A 20 8.12 -13.01 10.32
CA VAL A 20 8.79 -11.78 10.78
C VAL A 20 7.95 -10.54 10.35
N ALA A 21 7.39 -10.58 9.15
CA ALA A 21 6.53 -9.48 8.70
C ALA A 21 5.33 -9.29 9.64
N ASN A 22 4.73 -10.41 10.05
CA ASN A 22 3.63 -10.35 11.01
C ASN A 22 4.06 -9.80 12.38
N LYS A 23 5.24 -10.22 12.85
CA LYS A 23 5.78 -9.67 14.13
C LYS A 23 5.95 -8.18 14.00
N ALA A 24 6.49 -7.74 12.86
CA ALA A 24 6.66 -6.30 12.64
C ALA A 24 5.32 -5.57 12.71
N ALA A 25 4.33 -6.11 12.00
CA ALA A 25 3.00 -5.51 11.99
C ALA A 25 2.36 -5.51 13.37
N ASN A 26 2.59 -6.57 14.12
CA ASN A 26 2.02 -6.61 15.49
C ASN A 26 2.61 -5.50 16.37
N ALA A 27 3.93 -5.30 16.22
CA ALA A 27 4.58 -4.23 16.98
C ALA A 27 4.09 -2.84 16.55
N ALA A 28 4.03 -2.58 15.24
CA ALA A 28 3.59 -1.30 14.73
C ALA A 28 2.15 -1.02 15.22
N GLY A 29 1.30 -2.05 15.24
CA GLY A 29 -0.09 -1.82 15.60
C GLY A 29 -0.26 -1.36 17.06
N ASP A 30 0.50 -1.97 17.96
CA ASP A 30 0.49 -1.54 19.37
C ASP A 30 1.01 -0.12 19.49
N VAL A 31 2.06 0.22 18.80
CA VAL A 31 2.55 1.59 18.87
C VAL A 31 1.49 2.57 18.38
N ILE A 32 0.94 2.27 17.21
CA ILE A 32 -0.03 3.18 16.60
C ILE A 32 -1.28 3.37 17.43
N ARG A 33 -1.77 2.30 18.02
CA ARG A 33 -2.96 2.35 18.87
C ARG A 33 -2.73 3.27 20.08
N LYS A 34 -1.50 3.35 20.57
CA LYS A 34 -1.14 4.25 21.70
C LYS A 34 -1.34 5.70 21.37
N TYR A 35 -1.21 6.10 20.11
CA TYR A 35 -1.18 7.52 19.76
C TYR A 35 -2.43 7.92 19.01
N PHE A 36 -3.16 6.95 18.47
CA PHE A 36 -4.38 7.31 17.68
C PHE A 36 -5.47 7.90 18.62
N ARG A 37 -6.08 8.98 18.17
CA ARG A 37 -7.11 9.65 18.94
C ARG A 37 -6.67 10.30 20.26
N LYS A 38 -5.41 10.69 20.31
CA LYS A 38 -4.92 11.51 21.43
C LYS A 38 -4.94 13.04 21.20
N ASN A 39 -5.14 13.48 19.99
CA ASN A 39 -5.05 14.88 19.60
C ASN A 39 -6.38 15.73 19.56
N ASN A 40 -7.23 15.55 20.56
CA ASN A 40 -8.61 16.21 20.58
C ASN A 40 -8.63 17.46 21.43
N PHE A 41 -7.51 18.15 21.49
CA PHE A 41 -7.35 19.34 22.28
C PHE A 41 -7.02 20.36 21.21
N ASP A 42 -7.23 21.58 21.68
CA ASP A 42 -7.14 22.83 20.96
C ASP A 42 -5.78 23.48 21.18
N LEU A 49 6.64 17.70 19.21
CA LEU A 49 6.13 16.74 18.20
C LEU A 49 4.73 16.15 18.49
N SER A 50 3.92 16.09 17.44
CA SER A 50 2.57 15.58 17.50
C SER A 50 2.52 14.05 17.63
N PRO A 51 1.37 13.52 18.08
CA PRO A 51 1.25 12.10 18.26
C PRO A 51 1.52 11.31 16.95
N VAL A 52 1.08 11.83 15.78
CA VAL A 52 1.26 11.11 14.53
C VAL A 52 2.75 10.97 14.19
N THR A 53 3.53 12.02 14.41
CA THR A 53 5.00 11.98 14.16
C THR A 53 5.72 11.02 15.06
N ILE A 54 5.40 11.09 16.34
CA ILE A 54 5.98 10.12 17.31
C ILE A 54 5.58 8.71 16.91
N ALA A 55 4.28 8.53 16.63
CA ALA A 55 3.79 7.19 16.26
C ALA A 55 4.49 6.66 15.04
N ASP A 56 4.61 7.46 13.99
CA ASP A 56 5.27 7.00 12.77
C ASP A 56 6.71 6.57 13.04
N GLN A 57 7.44 7.47 13.72
CA GLN A 57 8.82 7.18 14.01
C GLN A 57 8.99 5.94 14.89
N SER A 58 8.18 5.84 15.96
N SER A 58 8.17 5.86 15.95
CA SER A 58 8.30 4.75 16.90
CA SER A 58 8.30 4.82 16.93
C SER A 58 7.89 3.43 16.27
C SER A 58 7.87 3.46 16.30
N ALA A 59 6.83 3.47 15.47
CA ALA A 59 6.40 2.29 14.80
C ALA A 59 7.42 1.79 13.78
N GLU A 60 7.98 2.71 13.00
CA GLU A 60 9.04 2.32 12.08
C GLU A 60 10.21 1.67 12.83
N GLU A 61 10.62 2.28 13.95
CA GLU A 61 11.71 1.71 14.70
C GLU A 61 11.39 0.31 15.21
N ALA A 62 10.16 0.11 15.65
CA ALA A 62 9.81 -1.20 16.15
C ALA A 62 9.83 -2.24 15.03
N MET A 63 9.38 -1.84 13.83
CA MET A 63 9.39 -2.81 12.71
C MET A 63 10.82 -3.13 12.28
N VAL A 64 11.63 -2.08 12.10
N VAL A 64 11.62 -2.06 12.03
CA VAL A 64 13.02 -2.24 11.73
CA VAL A 64 13.01 -2.25 11.52
C VAL A 64 13.80 -3.05 12.73
C VAL A 64 13.83 -3.09 12.47
N SER A 65 13.50 -2.88 14.00
N SER A 65 13.51 -3.00 13.78
CA SER A 65 14.34 -3.52 14.94
CA SER A 65 14.07 -3.87 14.88
C SER A 65 14.18 -5.05 14.85
C SER A 65 13.77 -5.36 14.73
N VAL A 66 12.94 -5.50 14.68
N VAL A 66 12.48 -5.69 14.69
CA VAL A 66 12.69 -6.95 14.56
CA VAL A 66 12.08 -7.06 14.43
C VAL A 66 13.08 -7.53 13.18
C VAL A 66 12.85 -7.58 13.18
N ILE A 67 12.84 -6.76 12.12
CA ILE A 67 13.35 -7.18 10.84
C ILE A 67 14.85 -7.45 10.86
N LEU A 68 15.61 -6.47 11.33
CA LEU A 68 17.07 -6.53 11.22
C LEU A 68 17.68 -7.43 12.27
N ASP A 69 16.95 -7.70 13.33
CA ASP A 69 17.44 -8.69 14.26
C ASP A 69 17.35 -10.09 13.62
N ASN A 70 16.27 -10.31 12.84
CA ASN A 70 16.08 -11.59 12.16
C ASN A 70 16.91 -11.74 10.85
N PHE A 71 17.16 -10.62 10.16
CA PHE A 71 17.77 -10.58 8.86
C PHE A 71 18.80 -9.47 8.79
N PRO A 72 19.99 -9.66 9.44
CA PRO A 72 21.02 -8.59 9.43
C PRO A 72 21.59 -8.26 8.02
N SER A 73 21.43 -9.16 7.04
CA SER A 73 21.92 -8.85 5.67
C SER A 73 20.92 -8.08 4.85
N HIS A 74 19.73 -7.83 5.40
CA HIS A 74 18.71 -7.14 4.63
C HIS A 74 18.86 -5.61 4.78
N ALA A 75 18.27 -4.88 3.85
CA ALA A 75 18.14 -3.45 3.91
C ALA A 75 16.74 -3.08 4.34
N VAL A 76 16.59 -1.86 4.84
CA VAL A 76 15.29 -1.22 5.09
C VAL A 76 15.23 0.12 4.42
N TYR A 77 14.01 0.54 4.06
CA TYR A 77 13.78 1.80 3.39
C TYR A 77 12.53 2.38 3.99
N GLY A 78 12.63 3.66 4.39
CA GLY A 78 11.49 4.43 4.90
C GLY A 78 11.62 5.86 4.49
N GLU A 79 10.52 6.56 4.62
CA GLU A 79 10.44 7.94 4.19
C GLU A 79 11.49 8.87 4.82
N GLU A 80 11.64 8.82 6.10
CA GLU A 80 12.45 9.81 6.76
C GLU A 80 13.92 9.48 6.60
N LYS A 81 14.29 8.20 6.76
CA LYS A 81 15.73 7.79 6.85
C LYS A 81 16.27 7.30 5.53
N GLY A 82 15.38 7.04 4.56
CA GLY A 82 15.85 6.50 3.29
C GLY A 82 16.34 5.05 3.41
N TRP A 83 17.33 4.74 2.58
CA TRP A 83 17.96 3.42 2.54
C TRP A 83 18.93 3.25 3.68
N ARG A 84 18.82 2.14 4.37
CA ARG A 84 19.77 1.77 5.44
C ARG A 84 20.08 0.29 5.33
N CYS A 85 21.38 -0.04 5.41
CA CYS A 85 21.84 -1.38 5.34
C CYS A 85 23.24 -1.41 5.94
N LYS A 86 23.57 -2.46 6.70
CA LYS A 86 24.90 -2.53 7.24
C LYS A 86 25.96 -2.91 6.23
N GLN A 87 25.51 -3.37 5.05
CA GLN A 87 26.38 -3.63 3.94
C GLN A 87 26.10 -2.64 2.81
N ASP A 88 26.98 -2.61 1.83
CA ASP A 88 26.93 -1.76 0.64
C ASP A 88 25.73 -2.05 -0.28
N SER A 89 25.20 -3.26 -0.14
CA SER A 89 24.19 -3.76 -1.04
C SER A 89 23.38 -4.78 -0.32
N ALA A 90 22.21 -5.07 -0.85
CA ALA A 90 21.34 -6.12 -0.26
C ALA A 90 20.45 -6.75 -1.34
N ASP A 91 20.26 -8.05 -1.29
CA ASP A 91 19.28 -8.73 -2.18
C ASP A 91 17.84 -8.52 -1.74
N TYR A 92 17.66 -8.35 -0.41
CA TYR A 92 16.35 -8.20 0.19
C TYR A 92 16.20 -6.86 0.84
N VAL A 93 15.11 -6.14 0.53
CA VAL A 93 14.88 -4.80 1.03
C VAL A 93 13.46 -4.71 1.55
N TRP A 94 13.27 -4.25 2.77
CA TRP A 94 11.94 -4.01 3.38
C TRP A 94 11.60 -2.57 3.19
N VAL A 95 10.46 -2.28 2.58
CA VAL A 95 10.04 -0.93 2.32
C VAL A 95 8.78 -0.69 3.13
N LEU A 96 8.80 0.29 4.01
CA LEU A 96 7.81 0.41 5.05
C LEU A 96 7.15 1.79 5.05
N ASP A 97 5.85 1.81 5.39
CA ASP A 97 5.17 3.05 5.77
C ASP A 97 4.31 2.70 6.99
N PRO A 98 4.72 3.15 8.17
CA PRO A 98 3.90 2.86 9.35
C PRO A 98 2.44 3.40 9.28
N ILE A 99 2.32 4.60 8.71
CA ILE A 99 1.04 5.25 8.62
C ILE A 99 0.81 5.86 7.23
N ASP A 100 0.18 5.07 6.35
CA ASP A 100 -0.29 5.56 5.07
C ASP A 100 -1.71 6.06 5.32
N GLY A 101 -1.91 7.32 5.10
CA GLY A 101 -3.16 8.00 5.46
C GLY A 101 -3.01 8.82 6.72
N THR A 102 -2.01 9.70 6.75
CA THR A 102 -1.83 10.50 7.95
C THR A 102 -2.95 11.51 8.18
N LYS A 103 -3.63 11.97 7.12
CA LYS A 103 -4.76 12.86 7.33
C LYS A 103 -5.92 12.15 8.03
N SER A 104 -6.15 10.88 7.65
CA SER A 104 -7.11 10.08 8.36
C SER A 104 -6.68 9.88 9.79
N PHE A 105 -5.45 9.50 10.02
CA PHE A 105 -4.96 9.32 11.38
C PHE A 105 -5.17 10.57 12.25
N ILE A 106 -4.73 11.73 11.73
N ILE A 106 -4.78 11.75 11.76
CA ILE A 106 -4.81 13.00 12.47
CA ILE A 106 -4.86 12.89 12.64
C ILE A 106 -6.24 13.39 12.82
C ILE A 106 -6.29 13.39 12.85
N THR A 107 -7.19 13.02 11.94
CA THR A 107 -8.60 13.36 12.09
C THR A 107 -9.43 12.26 12.72
N GLY A 108 -8.73 11.27 13.27
CA GLY A 108 -9.41 10.25 14.02
C GLY A 108 -10.16 9.18 13.25
N PRO A 110 -10.33 5.71 11.36
CA PRO A 110 -9.54 4.49 11.48
C PRO A 110 -9.35 3.73 10.12
N LEU A 111 -8.98 4.42 9.04
CA LEU A 111 -8.83 3.84 7.73
C LEU A 111 -7.48 4.17 7.10
N PHE A 112 -6.52 4.59 7.94
CA PHE A 112 -5.14 4.62 7.54
C PHE A 112 -4.63 3.17 7.59
N GLY A 113 -3.44 2.89 7.07
CA GLY A 113 -2.88 1.57 7.21
C GLY A 113 -1.37 1.61 7.39
N THR A 114 -0.88 0.50 7.94
CA THR A 114 0.53 0.20 7.95
C THR A 114 0.84 -0.72 6.75
N LEU A 115 1.86 -0.30 5.99
CA LEU A 115 2.29 -1.00 4.79
C LEU A 115 3.66 -1.58 5.00
N ILE A 116 3.78 -2.85 4.69
CA ILE A 116 5.07 -3.56 4.75
C ILE A 116 5.26 -4.30 3.43
N ALA A 117 6.37 -4.01 2.74
CA ALA A 117 6.73 -4.74 1.52
C ALA A 117 8.12 -5.33 1.71
N LEU A 118 8.30 -6.55 1.21
CA LEU A 118 9.63 -7.16 1.10
C LEU A 118 9.95 -7.38 -0.38
N LEU A 119 11.09 -6.81 -0.83
CA LEU A 119 11.52 -6.91 -2.22
C LEU A 119 12.73 -7.77 -2.33
N GLN A 120 12.70 -8.69 -3.27
CA GLN A 120 13.86 -9.53 -3.63
C GLN A 120 14.33 -9.08 -4.97
N ASN A 121 15.56 -8.57 -5.03
CA ASN A 121 16.07 -8.04 -6.29
C ASN A 121 15.13 -7.07 -6.96
N GLY A 122 14.52 -6.23 -6.14
CA GLY A 122 13.64 -5.18 -6.63
C GLY A 122 12.19 -5.51 -6.88
N THR A 123 11.81 -6.76 -6.66
CA THR A 123 10.43 -7.19 -6.93
C THR A 123 9.73 -7.52 -5.63
N PRO A 124 8.56 -6.96 -5.36
CA PRO A 124 7.87 -7.33 -4.11
C PRO A 124 7.48 -8.81 -4.10
N ILE A 125 7.82 -9.49 -3.02
CA ILE A 125 7.48 -10.89 -2.81
C ILE A 125 6.49 -11.07 -1.63
N LEU A 126 6.25 -10.03 -0.86
CA LEU A 126 5.39 -10.04 0.32
C LEU A 126 4.92 -8.62 0.51
N GLY A 127 3.61 -8.49 0.78
CA GLY A 127 3.00 -7.22 1.16
C GLY A 127 1.99 -7.42 2.22
N ILE A 128 1.94 -6.50 3.16
CA ILE A 128 0.92 -6.42 4.20
C ILE A 128 0.27 -5.07 4.20
N ILE A 129 -1.09 -5.08 4.24
CA ILE A 129 -1.88 -3.92 4.57
C ILE A 129 -2.50 -4.21 5.91
N ASP A 130 -2.14 -3.44 6.97
CA ASP A 130 -2.66 -3.65 8.29
C ASP A 130 -3.41 -2.44 8.81
N GLN A 131 -4.66 -2.67 9.23
CA GLN A 131 -5.45 -1.63 9.84
C GLN A 131 -5.53 -2.04 11.33
N PRO A 132 -4.72 -1.40 12.20
CA PRO A 132 -4.62 -1.92 13.58
C PRO A 132 -5.77 -1.61 14.51
N VAL A 133 -6.62 -0.64 14.14
CA VAL A 133 -7.81 -0.34 14.96
C VAL A 133 -8.90 -1.32 14.66
N LEU A 134 -9.13 -1.56 13.37
N LEU A 134 -9.17 -1.53 13.36
CA LEU A 134 -10.10 -2.51 12.88
CA LEU A 134 -10.15 -2.53 12.90
C LEU A 134 -9.66 -3.95 13.06
C LEU A 134 -9.67 -3.97 13.05
N LYS A 135 -8.36 -4.13 13.30
CA LYS A 135 -7.75 -5.46 13.41
C LYS A 135 -8.02 -6.25 12.11
N GLU A 136 -7.61 -5.63 11.00
CA GLU A 136 -7.76 -6.24 9.68
C GLU A 136 -6.38 -6.25 9.05
N ARG A 137 -5.96 -7.43 8.60
CA ARG A 137 -4.64 -7.60 7.99
C ARG A 137 -4.75 -8.38 6.69
N TRP A 138 -4.44 -7.72 5.59
CA TRP A 138 -4.33 -8.37 4.29
C TRP A 138 -2.86 -8.74 4.11
N ILE A 139 -2.64 -9.97 3.67
CA ILE A 139 -1.29 -10.46 3.42
C ILE A 139 -1.26 -11.06 2.00
N GLY A 140 -0.36 -10.50 1.17
CA GLY A 140 -0.01 -11.03 -0.10
C GLY A 140 1.38 -11.63 -0.08
N ILE A 141 1.49 -12.86 -0.57
CA ILE A 141 2.76 -13.57 -0.65
C ILE A 141 2.83 -14.20 -2.02
N THR A 142 3.96 -14.02 -2.73
CA THR A 142 4.08 -14.61 -4.04
C THR A 142 3.97 -16.12 -3.93
N GLY A 143 3.10 -16.69 -4.76
CA GLY A 143 2.79 -18.10 -4.71
C GLY A 143 1.52 -18.47 -4.01
N LYS A 144 0.97 -17.61 -3.16
CA LYS A 144 -0.18 -17.88 -2.35
C LYS A 144 -1.35 -16.97 -2.73
N ARG A 145 -2.58 -17.41 -2.52
CA ARG A 145 -3.71 -16.52 -2.56
C ARG A 145 -3.66 -15.54 -1.40
N THR A 146 -4.01 -14.28 -1.68
CA THR A 146 -4.09 -13.27 -0.62
C THR A 146 -5.12 -13.65 0.45
N THR A 147 -4.80 -13.30 1.71
CA THR A 147 -5.72 -13.52 2.79
C THR A 147 -6.01 -12.24 3.55
N LEU A 148 -7.20 -12.22 4.20
CA LEU A 148 -7.59 -11.22 5.17
C LEU A 148 -7.84 -11.97 6.45
N ASN A 149 -7.07 -11.65 7.50
CA ASN A 149 -7.20 -12.32 8.77
C ASN A 149 -7.23 -13.83 8.59
N GLY A 150 -6.36 -14.31 7.70
CA GLY A 150 -6.16 -15.73 7.47
C GLY A 150 -7.14 -16.42 6.54
N GLN A 151 -8.10 -15.71 6.01
CA GLN A 151 -9.07 -16.26 5.05
C GLN A 151 -8.80 -15.75 3.65
N GLU A 152 -8.80 -16.63 2.66
CA GLU A 152 -8.57 -16.23 1.28
C GLU A 152 -9.62 -15.25 0.79
N VAL A 153 -9.15 -14.26 0.03
CA VAL A 153 -10.04 -13.31 -0.62
C VAL A 153 -9.80 -13.30 -2.15
N SER A 154 -10.72 -12.71 -2.84
CA SER A 154 -10.66 -12.61 -4.30
C SER A 154 -11.28 -11.30 -4.76
N THR A 155 -10.74 -10.73 -5.83
CA THR A 155 -11.40 -9.71 -6.53
C THR A 155 -12.69 -10.22 -7.19
N ARG A 156 -13.51 -9.31 -7.64
CA ARG A 156 -14.72 -9.65 -8.42
C ARG A 156 -14.61 -9.22 -9.86
N THR A 157 -15.37 -9.88 -10.72
CA THR A 157 -15.55 -9.41 -12.07
C THR A 157 -16.39 -8.16 -12.16
N CYS A 158 -16.28 -7.46 -13.28
CA CYS A 158 -17.07 -6.27 -13.48
C CYS A 158 -17.29 -6.18 -14.99
N ALA A 159 -18.56 -6.00 -15.42
CA ALA A 159 -18.94 -6.11 -16.81
C ALA A 159 -18.39 -5.06 -17.75
N ASP A 160 -18.16 -3.83 -17.27
CA ASP A 160 -17.84 -2.67 -18.05
C ASP A 160 -17.45 -1.52 -17.11
N LEU A 161 -16.63 -0.62 -17.58
CA LEU A 161 -16.26 0.50 -16.80
C LEU A 161 -17.48 1.27 -16.18
N SER A 162 -18.59 1.33 -16.92
CA SER A 162 -19.82 2.01 -16.48
C SER A 162 -20.45 1.43 -15.22
N GLN A 163 -20.09 0.19 -14.90
CA GLN A 163 -20.56 -0.51 -13.73
C GLN A 163 -19.63 -0.52 -12.55
N ALA A 164 -18.46 0.07 -12.73
CA ALA A 164 -17.34 -0.02 -11.77
C ALA A 164 -17.53 1.03 -10.67
N TYR A 165 -17.33 0.54 -9.42
CA TYR A 165 -17.13 1.40 -8.23
C TYR A 165 -15.64 1.79 -8.16
N LEU A 166 -15.37 3.09 -8.20
CA LEU A 166 -14.03 3.66 -8.22
C LEU A 166 -13.77 4.38 -6.88
N TYR A 167 -12.57 4.17 -6.33
CA TYR A 167 -12.08 4.97 -5.24
C TYR A 167 -10.80 5.73 -5.66
N THR A 168 -10.65 6.87 -4.98
CA THR A 168 -9.37 7.58 -4.96
C THR A 168 -9.33 8.35 -3.64
N THR A 169 -8.15 8.68 -3.14
CA THR A 169 -8.05 9.35 -1.84
C THR A 169 -8.73 10.71 -1.84
N SER A 170 -8.40 11.57 -2.80
CA SER A 170 -8.94 12.91 -2.79
C SER A 170 -9.02 13.45 -4.20
N PRO A 171 -10.05 14.30 -4.46
CA PRO A 171 -10.05 14.96 -5.76
C PRO A 171 -8.89 15.93 -6.01
N HIS A 172 -8.27 16.37 -4.91
CA HIS A 172 -7.26 17.42 -4.99
C HIS A 172 -5.84 16.91 -5.18
N LEU A 173 -5.68 15.59 -5.23
CA LEU A 173 -4.37 14.96 -5.36
C LEU A 173 -4.06 14.55 -6.81
N PHE A 174 -4.47 15.41 -7.75
CA PHE A 174 -4.15 15.29 -9.14
C PHE A 174 -3.77 16.72 -9.54
N SER A 175 -2.67 16.82 -10.20
CA SER A 175 -2.10 18.08 -10.66
C SER A 175 -1.89 17.99 -12.15
N GLY A 176 -1.97 19.11 -12.82
CA GLY A 176 -1.58 19.13 -14.23
C GLY A 176 -2.35 18.20 -15.10
N ASP A 177 -1.63 17.55 -16.01
CA ASP A 177 -2.24 16.70 -16.98
C ASP A 177 -2.87 15.46 -16.35
N ALA A 178 -2.38 15.06 -15.18
CA ALA A 178 -2.95 13.92 -14.49
C ALA A 178 -4.41 14.17 -14.08
N GLU A 179 -4.76 15.42 -13.76
CA GLU A 179 -6.13 15.77 -13.42
C GLU A 179 -7.05 15.51 -14.61
N GLU A 180 -6.65 15.91 -15.81
CA GLU A 180 -7.48 15.75 -16.98
C GLU A 180 -7.67 14.24 -17.22
N ALA A 181 -6.62 13.46 -17.05
CA ALA A 181 -6.67 12.03 -17.30
C ALA A 181 -7.60 11.39 -16.28
N PHE A 182 -7.45 11.74 -15.01
CA PHE A 182 -8.37 11.24 -13.99
C PHE A 182 -9.83 11.51 -14.32
N ILE A 183 -10.11 12.75 -14.71
CA ILE A 183 -11.48 13.15 -15.00
C ILE A 183 -12.08 12.29 -16.13
N ARG A 184 -11.24 11.96 -17.11
CA ARG A 184 -11.71 11.10 -18.24
C ARG A 184 -12.23 9.77 -17.70
N VAL A 185 -11.49 9.14 -16.76
N VAL A 185 -11.49 9.13 -16.76
CA VAL A 185 -11.94 7.87 -16.19
CA VAL A 185 -11.97 7.86 -16.24
C VAL A 185 -13.14 8.09 -15.24
C VAL A 185 -13.13 8.06 -15.22
N ARG A 186 -13.01 9.08 -14.36
CA ARG A 186 -13.97 9.38 -13.33
C ARG A 186 -15.34 9.51 -13.91
N ASP A 187 -15.45 10.22 -15.05
CA ASP A 187 -16.76 10.47 -15.69
C ASP A 187 -17.43 9.25 -16.29
N LYS A 188 -16.69 8.17 -16.47
CA LYS A 188 -17.14 6.97 -17.09
C LYS A 188 -17.58 5.86 -16.15
N VAL A 189 -17.18 5.93 -14.88
CA VAL A 189 -17.45 4.83 -13.94
C VAL A 189 -18.86 4.96 -13.38
N LYS A 190 -19.30 3.94 -12.64
CA LYS A 190 -20.62 3.99 -12.04
C LYS A 190 -20.69 5.16 -11.04
N ILE A 191 -19.70 5.22 -10.15
CA ILE A 191 -19.66 6.30 -9.19
C ILE A 191 -18.23 6.44 -8.67
N PRO A 192 -17.76 7.69 -8.54
CA PRO A 192 -16.46 7.90 -7.90
C PRO A 192 -16.62 8.20 -6.44
N LEU A 193 -15.85 7.49 -5.63
CA LEU A 193 -15.89 7.61 -4.17
C LEU A 193 -14.51 8.00 -3.65
N TYR A 194 -14.47 8.54 -2.44
CA TYR A 194 -13.24 9.16 -1.97
C TYR A 194 -12.93 8.76 -0.55
N GLY A 195 -11.66 8.94 -0.16
CA GLY A 195 -11.25 9.05 1.22
C GLY A 195 -10.21 8.30 2.01
N CYS A 196 -9.71 7.15 1.55
N CYS A 196 -9.85 7.10 1.32
CA CYS A 196 -9.04 6.30 2.50
CA CYS A 196 -9.45 5.68 1.53
C CYS A 196 -7.80 5.53 2.02
C CYS A 196 -7.93 5.39 1.79
N ASP A 197 -7.03 6.11 1.12
CA ASP A 197 -5.62 5.71 1.04
C ASP A 197 -5.54 4.21 0.69
N CYS A 198 -4.65 3.48 1.33
CA CYS A 198 -4.43 2.08 1.03
C CYS A 198 -5.67 1.21 1.29
N TYR A 199 -6.59 1.68 2.11
CA TYR A 199 -7.73 0.83 2.46
C TYR A 199 -8.56 0.51 1.22
N ALA A 200 -8.63 1.42 0.26
CA ALA A 200 -9.45 1.13 -0.92
C ALA A 200 -8.88 -0.06 -1.70
N TYR A 201 -7.57 -0.18 -1.75
CA TYR A 201 -6.93 -1.28 -2.44
C TYR A 201 -7.20 -2.62 -1.74
N ALA A 202 -7.22 -2.56 -0.40
CA ALA A 202 -7.62 -3.72 0.38
C ALA A 202 -9.07 -4.12 0.05
N LEU A 203 -9.98 -3.14 -0.03
CA LEU A 203 -11.36 -3.44 -0.43
C LEU A 203 -11.43 -4.03 -1.83
N LEU A 204 -10.62 -3.48 -2.75
CA LEU A 204 -10.58 -4.05 -4.09
C LEU A 204 -10.16 -5.51 -4.05
N SER A 205 -9.14 -5.79 -3.27
N SER A 205 -9.12 -5.80 -3.28
CA SER A 205 -8.61 -7.14 -3.16
CA SER A 205 -8.60 -7.17 -3.18
C SER A 205 -9.57 -8.14 -2.55
C SER A 205 -9.62 -8.14 -2.61
N SER A 206 -10.53 -7.62 -1.77
CA SER A 206 -11.58 -8.45 -1.18
C SER A 206 -12.86 -8.48 -2.03
N GLY A 207 -12.90 -7.78 -3.15
CA GLY A 207 -14.02 -7.90 -4.05
C GLY A 207 -15.15 -6.94 -3.82
N PHE A 208 -14.89 -5.81 -3.14
CA PHE A 208 -15.93 -4.86 -2.88
C PHE A 208 -15.80 -3.53 -3.66
N VAL A 209 -14.67 -3.36 -4.36
CA VAL A 209 -14.35 -2.17 -5.14
C VAL A 209 -13.80 -2.66 -6.46
N ASP A 210 -14.09 -1.96 -7.57
CA ASP A 210 -13.63 -2.41 -8.88
C ASP A 210 -12.39 -1.69 -9.41
N LEU A 211 -12.15 -0.45 -9.01
CA LEU A 211 -11.12 0.36 -9.62
C LEU A 211 -10.60 1.34 -8.56
N VAL A 212 -9.26 1.46 -8.50
CA VAL A 212 -8.65 2.50 -7.73
C VAL A 212 -7.64 3.24 -8.66
N VAL A 213 -7.71 4.56 -8.73
CA VAL A 213 -6.88 5.35 -9.63
C VAL A 213 -6.34 6.50 -8.80
N GLU A 214 -5.00 6.54 -8.67
CA GLU A 214 -4.35 7.59 -7.91
C GLU A 214 -3.08 8.11 -8.62
N SER A 215 -2.74 9.34 -8.27
CA SER A 215 -1.55 9.99 -8.81
C SER A 215 -0.70 10.51 -7.67
N GLY A 216 0.58 10.26 -7.71
CA GLY A 216 1.52 10.84 -6.73
C GLY A 216 1.76 9.98 -5.50
N LEU A 217 1.80 8.64 -5.69
CA LEU A 217 2.15 7.73 -4.58
C LEU A 217 3.62 7.43 -4.57
N LYS A 218 4.20 7.54 -3.38
CA LYS A 218 5.56 7.19 -3.15
C LYS A 218 5.67 5.63 -3.10
N PRO A 219 6.88 5.08 -3.30
CA PRO A 219 6.98 3.61 -3.38
C PRO A 219 6.61 2.91 -2.09
N TYR A 220 6.86 3.54 -0.94
CA TYR A 220 6.44 2.96 0.35
C TYR A 220 4.97 2.93 0.56
N ASP A 221 4.22 3.61 -0.31
CA ASP A 221 2.76 3.57 -0.28
C ASP A 221 2.11 2.75 -1.40
N PHE A 222 2.90 2.13 -2.28
CA PHE A 222 2.31 1.23 -3.25
C PHE A 222 2.93 -0.18 -3.31
N LEU A 223 4.21 -0.36 -2.91
CA LEU A 223 4.84 -1.64 -3.14
C LEU A 223 4.13 -2.78 -2.39
N ALA A 224 3.67 -2.52 -1.15
CA ALA A 224 2.98 -3.54 -0.41
C ALA A 224 1.68 -3.95 -1.04
N LEU A 225 1.05 -3.03 -1.81
CA LEU A 225 -0.20 -3.29 -2.47
C LEU A 225 -0.12 -4.36 -3.54
N ILE A 226 1.05 -4.47 -4.15
CA ILE A 226 1.19 -5.25 -5.39
C ILE A 226 0.88 -6.77 -5.12
N PRO A 227 1.61 -7.39 -4.15
CA PRO A 227 1.32 -8.82 -3.91
C PRO A 227 -0.09 -9.02 -3.41
N VAL A 228 -0.59 -8.09 -2.61
CA VAL A 228 -1.97 -8.19 -2.10
C VAL A 228 -2.95 -8.26 -3.29
N ILE A 229 -2.92 -7.28 -4.17
CA ILE A 229 -3.88 -7.23 -5.28
C ILE A 229 -3.64 -8.36 -6.24
N GLU A 230 -2.41 -8.62 -6.63
CA GLU A 230 -2.15 -9.64 -7.66
C GLU A 230 -2.54 -11.01 -7.14
N GLY A 231 -2.27 -11.27 -5.85
CA GLY A 231 -2.62 -12.51 -5.25
C GLY A 231 -4.09 -12.72 -4.97
N SER A 232 -4.92 -11.68 -5.17
N SER A 232 -4.92 -11.69 -5.17
CA SER A 232 -6.37 -11.74 -5.07
CA SER A 232 -6.36 -11.84 -5.06
C SER A 232 -6.99 -11.93 -6.44
C SER A 232 -6.99 -11.94 -6.44
N GLY A 233 -6.18 -11.90 -7.51
CA GLY A 233 -6.69 -11.96 -8.89
C GLY A 233 -6.83 -10.65 -9.63
N GLY A 234 -6.39 -9.55 -8.99
CA GLY A 234 -6.48 -8.26 -9.61
C GLY A 234 -5.27 -7.86 -10.41
N VAL A 235 -5.29 -6.62 -10.89
N VAL A 235 -5.26 -6.62 -10.90
CA VAL A 235 -4.28 -6.05 -11.77
CA VAL A 235 -4.15 -6.12 -11.69
C VAL A 235 -3.89 -4.69 -11.20
C VAL A 235 -3.87 -4.71 -11.19
N ILE A 236 -2.59 -4.39 -11.15
CA ILE A 236 -2.12 -3.05 -10.71
C ILE A 236 -0.88 -2.67 -11.50
N THR A 237 -0.96 -1.53 -12.14
CA THR A 237 0.12 -1.07 -13.00
C THR A 237 0.25 0.46 -12.85
N ASP A 238 1.24 1.03 -13.55
CA ASP A 238 1.27 2.45 -13.72
C ASP A 238 0.22 2.90 -14.78
N TRP A 239 0.09 4.17 -15.05
CA TRP A 239 -0.99 4.62 -15.95
C TRP A 239 -0.78 4.31 -17.44
N LYS A 240 0.40 3.85 -17.80
CA LYS A 240 0.69 3.34 -19.15
C LYS A 240 0.47 1.85 -19.27
N GLY A 241 0.11 1.19 -18.19
CA GLY A 241 -0.06 -0.24 -18.13
C GLY A 241 1.23 -1.00 -17.93
N HIS A 242 2.33 -0.30 -17.63
CA HIS A 242 3.60 -0.93 -17.38
C HIS A 242 3.67 -1.35 -15.93
N GLN A 243 4.54 -2.30 -15.68
CA GLN A 243 4.81 -2.79 -14.35
C GLN A 243 5.19 -1.65 -13.45
N LEU A 244 4.56 -1.66 -12.29
CA LEU A 244 4.81 -0.67 -11.28
C LEU A 244 5.98 -1.24 -10.55
N ARG A 245 7.10 -0.54 -10.61
CA ARG A 245 8.30 -1.04 -10.04
C ARG A 245 9.18 0.05 -9.54
N TRP A 246 9.85 -0.27 -8.46
CA TRP A 246 10.79 0.67 -7.86
C TRP A 246 11.85 -0.18 -7.18
N GLU A 247 13.07 -0.16 -7.71
CA GLU A 247 14.14 -0.95 -7.17
C GLU A 247 14.81 -0.10 -6.08
N ALA A 248 14.41 -0.35 -4.85
CA ALA A 248 15.00 0.25 -3.67
C ALA A 248 16.51 -0.06 -3.63
N SER A 249 17.36 0.96 -3.55
CA SER A 249 18.82 0.79 -3.60
C SER A 249 19.41 1.96 -2.86
N PRO A 250 20.74 1.97 -2.67
CA PRO A 250 21.34 3.14 -2.05
C PRO A 250 21.11 4.44 -2.77
N LEU A 251 20.90 4.39 -4.10
CA LEU A 251 20.64 5.60 -4.88
C LEU A 251 19.26 5.76 -5.42
N SER A 252 18.37 4.79 -5.18
CA SER A 252 16.97 5.02 -5.65
C SER A 252 16.36 6.30 -5.04
N ILE A 253 15.56 7.00 -5.86
CA ILE A 253 14.91 8.23 -5.53
C ILE A 253 13.47 7.87 -5.25
N ALA A 254 12.97 8.29 -4.09
CA ALA A 254 11.55 8.03 -3.76
C ALA A 254 10.72 9.15 -4.38
N THR A 255 10.56 9.01 -5.68
CA THR A 255 9.66 9.87 -6.42
C THR A 255 8.27 9.21 -6.38
N SER A 256 7.32 9.94 -6.95
CA SER A 256 5.94 9.57 -6.92
C SER A 256 5.51 8.96 -8.24
N PHE A 257 4.56 8.05 -8.12
CA PHE A 257 4.07 7.26 -9.25
C PHE A 257 2.56 7.37 -9.39
N ASN A 258 2.09 7.11 -10.58
CA ASN A 258 0.67 7.00 -10.85
C ASN A 258 0.26 5.54 -10.90
N VAL A 259 -0.83 5.23 -10.24
CA VAL A 259 -1.26 3.81 -10.02
C VAL A 259 -2.72 3.66 -10.52
N VAL A 260 -2.96 2.52 -11.17
CA VAL A 260 -4.29 2.11 -11.47
C VAL A 260 -4.39 0.60 -11.14
N ALA A 261 -5.35 0.29 -10.26
CA ALA A 261 -5.63 -1.08 -9.85
C ALA A 261 -7.07 -1.40 -10.18
N ALA A 262 -7.28 -2.63 -10.66
CA ALA A 262 -8.63 -3.10 -10.96
C ALA A 262 -8.83 -4.54 -10.44
N GLY A 263 -10.07 -4.86 -10.13
CA GLY A 263 -10.41 -6.25 -9.83
C GLY A 263 -10.41 -7.14 -11.06
N ASP A 264 -10.71 -6.55 -12.22
CA ASP A 264 -10.95 -7.30 -13.46
C ASP A 264 -10.04 -6.70 -14.52
N LYS A 265 -9.34 -7.58 -15.24
CA LYS A 265 -8.40 -7.11 -16.26
C LYS A 265 -9.06 -6.34 -17.42
N GLN A 266 -10.31 -6.62 -17.73
CA GLN A 266 -10.96 -5.92 -18.84
C GLN A 266 -11.25 -4.45 -18.44
N ILE A 267 -11.68 -4.26 -17.19
CA ILE A 267 -11.87 -2.92 -16.61
C ILE A 267 -10.56 -2.15 -16.59
N HIS A 268 -9.52 -2.85 -16.15
CA HIS A 268 -8.20 -2.23 -16.16
C HIS A 268 -7.82 -1.65 -17.52
N GLN A 269 -8.03 -2.42 -18.57
CA GLN A 269 -7.75 -1.96 -19.91
C GLN A 269 -8.57 -0.74 -20.34
N GLN A 270 -9.86 -0.79 -20.03
CA GLN A 270 -10.77 0.33 -20.27
C GLN A 270 -10.24 1.59 -19.57
N ALA A 271 -9.80 1.43 -18.33
CA ALA A 271 -9.25 2.57 -17.60
C ALA A 271 -8.01 3.14 -18.29
N LEU A 272 -7.09 2.27 -18.67
CA LEU A 272 -5.89 2.69 -19.39
C LEU A 272 -6.23 3.49 -20.66
N ASP A 273 -7.26 3.02 -21.36
CA ASP A 273 -7.70 3.66 -22.58
C ASP A 273 -8.26 5.06 -22.32
N SER A 274 -8.94 5.26 -21.18
CA SER A 274 -9.41 6.60 -20.80
C SER A 274 -8.30 7.49 -20.30
N LEU A 275 -7.36 6.95 -19.51
CA LEU A 275 -6.27 7.78 -18.97
C LEU A 275 -5.41 8.39 -20.08
N GLN A 276 -5.09 7.60 -21.12
CA GLN A 276 -4.31 8.06 -22.26
C GLN A 276 -2.99 8.67 -21.88
N TRP A 277 -2.29 7.99 -20.99
CA TRP A 277 -1.13 8.58 -20.34
C TRP A 277 0.10 8.43 -21.19
#